data_6RBW
#
_entry.id   6RBW
#
_cell.length_a   62.273
_cell.length_b   76.568
_cell.length_c   118.082
_cell.angle_alpha   90.000
_cell.angle_beta   90.000
_cell.angle_gamma   90.000
#
_symmetry.space_group_name_H-M   'I 2 2 2'
#
loop_
_entity.id
_entity.type
_entity.pdbx_description
1 polymer 'NAD kinase 1'
2 non-polymer 'CITRIC ACID'
3 non-polymer 9-(4-azidobutyl)-8-bromanyl-purin-6-amine
4 water water
#
_entity_poly.entity_id   1
_entity_poly.type   'polypeptide(L)'
_entity_poly.pdbx_seq_one_letter_code
;MKYMITSKGDEKSDLLRLNMIAGFGEYDMEYDDVEPEIVISIGGDGTFLSAFHQYEERLDEIAFIGIHTGHLGFYADWRP
AEADKLVKLLAKGEYQKVSYPLLKTTVKYGIGKKEATYLALNESTVKSSGGPFVVDVVINDIHFERFRGDGLCMSTPSGT
TAYNKSLGGALMHPSIEAMQLTEMASINNRVYRTIGSPLVFPKHHVVSLQPVNDKDFQISVDHLSILHRDVQEIRYEVSA
KKIHFARFRSFPFWRRVHDSFIEDLEHHHHHH
;
_entity_poly.pdbx_strand_id   A
#
loop_
_chem_comp.id
_chem_comp.type
_chem_comp.name
_chem_comp.formula
CIT non-polymer 'CITRIC ACID' 'C6 H8 O7'
JXB non-polymer 9-(4-azidobutyl)-8-bromanyl-purin-6-amine 'C9 H11 Br N8'
#
# COMPACT_ATOMS: atom_id res chain seq x y z
N MET A 1 -15.40 -5.08 21.47
CA MET A 1 -14.33 -4.19 21.04
C MET A 1 -14.90 -2.95 20.35
N LYS A 2 -14.10 -1.88 20.32
CA LYS A 2 -14.46 -0.71 19.55
C LYS A 2 -14.31 -0.99 18.06
N TYR A 3 -15.09 -0.29 17.25
CA TYR A 3 -15.06 -0.52 15.82
C TYR A 3 -15.54 0.73 15.09
N MET A 4 -15.25 0.78 13.79
CA MET A 4 -15.75 1.83 12.92
C MET A 4 -15.80 1.28 11.50
N ILE A 5 -16.59 1.94 10.66
CA ILE A 5 -16.80 1.50 9.28
C ILE A 5 -16.72 2.71 8.36
N THR A 6 -15.81 2.67 7.39
CA THR A 6 -15.78 3.67 6.33
C THR A 6 -16.54 3.15 5.12
N SER A 7 -17.04 4.09 4.31
CA SER A 7 -17.85 3.74 3.16
C SER A 7 -17.40 4.57 1.96
N LYS A 8 -17.50 3.97 0.77
CA LYS A 8 -17.16 4.65 -0.47
C LYS A 8 -17.99 5.91 -0.68
N GLY A 9 -19.16 5.99 -0.07
CA GLY A 9 -20.02 7.15 -0.19
C GLY A 9 -21.21 6.97 -1.09
N ASP A 10 -21.21 5.96 -1.95
CA ASP A 10 -22.36 5.71 -2.81
C ASP A 10 -23.47 5.04 -2.00
N GLU A 11 -24.60 4.80 -2.65
CA GLU A 11 -25.81 4.40 -1.93
C GLU A 11 -25.65 3.04 -1.28
N LYS A 12 -25.21 2.02 -2.04
CA LYS A 12 -25.19 0.66 -1.52
C LYS A 12 -24.14 0.49 -0.42
N SER A 13 -23.02 1.20 -0.51
CA SER A 13 -22.00 1.07 0.52
C SER A 13 -22.44 1.72 1.83
N ASP A 14 -23.17 2.84 1.75
CA ASP A 14 -23.71 3.46 2.95
C ASP A 14 -24.77 2.57 3.59
N LEU A 15 -25.64 1.97 2.77
CA LEU A 15 -26.70 1.12 3.30
C LEU A 15 -26.14 -0.17 3.90
N LEU A 16 -25.09 -0.72 3.28
CA LEU A 16 -24.44 -1.89 3.87
C LEU A 16 -23.74 -1.54 5.17
N ARG A 17 -23.25 -0.30 5.30
CA ARG A 17 -22.62 0.12 6.54
C ARG A 17 -23.62 0.22 7.69
N LEU A 18 -24.74 0.89 7.45
CA LEU A 18 -25.77 1.01 8.49
C LEU A 18 -26.34 -0.35 8.86
N ASN A 19 -26.38 -1.28 7.91
CA ASN A 19 -26.88 -2.62 8.21
C ASN A 19 -25.92 -3.37 9.13
N MET A 20 -24.61 -3.17 8.96
CA MET A 20 -23.64 -3.81 9.84
C MET A 20 -23.60 -3.15 11.21
N ILE A 21 -23.79 -1.83 11.27
CA ILE A 21 -23.90 -1.16 12.57
C ILE A 21 -25.10 -1.70 13.34
N ALA A 22 -26.24 -1.85 12.66
CA ALA A 22 -27.42 -2.41 13.30
C ALA A 22 -27.17 -3.86 13.73
N GLY A 23 -26.48 -4.63 12.88
CA GLY A 23 -26.11 -5.99 13.28
C GLY A 23 -25.12 -5.99 14.41
N PHE A 24 -24.19 -5.03 14.43
CA PHE A 24 -23.26 -4.91 15.54
C PHE A 24 -23.96 -4.47 16.82
N GLY A 25 -25.02 -3.67 16.71
CA GLY A 25 -25.78 -3.25 17.87
C GLY A 25 -26.42 -4.38 18.66
N GLU A 26 -26.46 -5.59 18.08
CA GLU A 26 -26.98 -6.77 18.76
C GLU A 26 -25.89 -7.52 19.52
N TYR A 27 -24.73 -6.90 19.74
CA TYR A 27 -23.61 -7.56 20.40
C TYR A 27 -22.94 -6.58 21.35
N ASP A 28 -21.87 -7.05 21.99
CA ASP A 28 -21.02 -6.20 22.83
C ASP A 28 -19.99 -5.50 21.96
N MET A 29 -20.47 -4.55 21.16
CA MET A 29 -19.65 -3.82 20.21
C MET A 29 -20.03 -2.35 20.25
N GLU A 30 -19.08 -1.51 20.65
CA GLU A 30 -19.27 -0.06 20.68
C GLU A 30 -18.66 0.56 19.43
N TYR A 31 -19.40 1.46 18.80
CA TYR A 31 -18.87 2.19 17.65
C TYR A 31 -17.94 3.31 18.13
N ASP A 32 -16.76 3.40 17.53
CA ASP A 32 -15.76 4.40 17.90
C ASP A 32 -14.76 4.51 16.75
N ASP A 33 -14.72 5.67 16.09
CA ASP A 33 -13.80 5.93 15.00
C ASP A 33 -12.55 6.69 15.46
N VAL A 34 -12.32 6.75 16.76
CA VAL A 34 -11.13 7.39 17.31
C VAL A 34 -10.13 6.37 17.85
N GLU A 35 -10.61 5.35 18.57
CA GLU A 35 -9.73 4.33 19.13
C GLU A 35 -10.18 2.91 18.80
N PRO A 36 -10.53 2.59 17.55
CA PRO A 36 -11.09 1.27 17.28
C PRO A 36 -10.02 0.20 17.22
N GLU A 37 -10.45 -1.03 17.48
CA GLU A 37 -9.62 -2.21 17.30
C GLU A 37 -9.97 -2.98 16.04
N ILE A 38 -11.08 -2.64 15.39
CA ILE A 38 -11.52 -3.29 14.15
C ILE A 38 -12.00 -2.20 13.20
N VAL A 39 -11.42 -2.15 12.01
CA VAL A 39 -11.78 -1.17 10.99
C VAL A 39 -12.29 -1.91 9.77
N ILE A 40 -13.49 -1.56 9.32
CA ILE A 40 -14.12 -2.18 8.15
C ILE A 40 -14.25 -1.12 7.07
N SER A 41 -13.74 -1.43 5.88
CA SER A 41 -13.87 -0.56 4.71
C SER A 41 -14.83 -1.20 3.72
N ILE A 42 -15.80 -0.42 3.26
CA ILE A 42 -16.81 -0.88 2.31
C ILE A 42 -16.69 -0.05 1.04
N GLY A 43 -16.49 -0.73 -0.09
CA GLY A 43 -16.34 -0.06 -1.37
C GLY A 43 -15.35 -0.76 -2.28
N GLY A 44 -14.11 -0.30 -2.27
CA GLY A 44 -13.07 -0.92 -3.07
C GLY A 44 -11.70 -0.86 -2.41
N ASP A 45 -10.66 -1.18 -3.18
CA ASP A 45 -9.30 -1.10 -2.65
C ASP A 45 -8.91 0.34 -2.33
N GLY A 46 -9.41 1.31 -3.11
CA GLY A 46 -9.15 2.70 -2.80
C GLY A 46 -9.76 3.13 -1.49
N THR A 47 -11.01 2.71 -1.23
CA THR A 47 -11.63 2.98 0.05
C THR A 47 -10.85 2.33 1.19
N PHE A 48 -10.31 1.14 0.96
CA PHE A 48 -9.48 0.50 1.96
C PHE A 48 -8.18 1.28 2.19
N LEU A 49 -7.59 1.81 1.12
CA LEU A 49 -6.37 2.60 1.25
C LEU A 49 -6.60 3.84 2.13
N SER A 50 -7.75 4.48 1.96
CA SER A 50 -8.07 5.63 2.79
C SER A 50 -8.21 5.24 4.25
N ALA A 51 -8.83 4.08 4.51
CA ALA A 51 -8.99 3.62 5.90
C ALA A 51 -7.63 3.29 6.52
N PHE A 52 -6.71 2.74 5.74
CA PHE A 52 -5.39 2.42 6.25
C PHE A 52 -4.63 3.68 6.67
N HIS A 53 -4.49 4.63 5.74
CA HIS A 53 -3.77 5.86 6.04
C HIS A 53 -4.48 6.71 7.10
N GLN A 54 -5.79 6.51 7.27
CA GLN A 54 -6.52 7.23 8.31
C GLN A 54 -6.13 6.75 9.70
N TYR A 55 -5.74 5.49 9.84
CA TYR A 55 -5.36 4.91 11.12
C TYR A 55 -3.95 4.35 11.09
N GLU A 56 -3.07 4.96 10.29
CA GLU A 56 -1.70 4.46 10.17
C GLU A 56 -0.83 4.80 11.37
N GLU A 57 -1.36 5.53 12.35
CA GLU A 57 -0.63 5.81 13.58
C GLU A 57 -0.81 4.74 14.64
N ARG A 58 -1.78 3.84 14.47
CA ARG A 58 -2.09 2.79 15.44
C ARG A 58 -2.29 1.46 14.73
N LEU A 59 -1.30 1.04 13.94
CA LEU A 59 -1.46 -0.14 13.10
C LEU A 59 -1.42 -1.43 13.93
N ASP A 60 -0.70 -1.42 15.05
CA ASP A 60 -0.57 -2.61 15.88
C ASP A 60 -1.78 -2.87 16.76
N GLU A 61 -2.80 -2.00 16.73
CA GLU A 61 -3.96 -2.17 17.57
C GLU A 61 -5.25 -2.41 16.78
N ILE A 62 -5.15 -2.62 15.47
CA ILE A 62 -6.30 -2.68 14.58
C ILE A 62 -6.18 -3.89 13.67
N ALA A 63 -7.30 -4.61 13.49
CA ALA A 63 -7.43 -5.64 12.47
C ALA A 63 -8.34 -5.10 11.38
N PHE A 64 -7.82 -5.02 10.16
CA PHE A 64 -8.54 -4.42 9.04
C PHE A 64 -9.37 -5.47 8.30
N ILE A 65 -10.50 -5.02 7.74
CA ILE A 65 -11.37 -5.85 6.93
C ILE A 65 -11.89 -5.01 5.77
N GLY A 66 -11.85 -5.57 4.57
CA GLY A 66 -12.37 -4.88 3.41
C GLY A 66 -13.52 -5.60 2.73
N ILE A 67 -14.58 -4.86 2.41
CA ILE A 67 -15.74 -5.38 1.70
C ILE A 67 -15.85 -4.64 0.37
N HIS A 68 -15.94 -5.38 -0.72
CA HIS A 68 -16.07 -4.80 -2.05
C HIS A 68 -17.53 -4.83 -2.47
N THR A 69 -18.12 -3.65 -2.64
CA THR A 69 -19.45 -3.54 -3.24
C THR A 69 -19.40 -3.51 -4.75
N GLY A 70 -18.22 -3.42 -5.34
CA GLY A 70 -18.05 -3.53 -6.77
C GLY A 70 -17.25 -4.76 -7.13
N HIS A 71 -16.29 -4.61 -8.05
CA HIS A 71 -15.47 -5.74 -8.44
C HIS A 71 -14.57 -6.19 -7.29
N LEU A 72 -13.95 -7.36 -7.47
CA LEU A 72 -13.08 -7.91 -6.44
C LEU A 72 -11.85 -7.04 -6.25
N GLY A 73 -11.50 -6.78 -4.98
CA GLY A 73 -10.29 -6.08 -4.66
C GLY A 73 -9.30 -6.97 -3.93
N PHE A 74 -8.03 -6.60 -3.91
CA PHE A 74 -7.03 -7.40 -3.21
C PHE A 74 -7.02 -7.13 -1.72
N TYR A 75 -7.56 -6.00 -1.27
CA TYR A 75 -7.76 -5.73 0.14
C TYR A 75 -9.24 -5.82 0.53
N ALA A 76 -10.12 -5.21 -0.26
CA ALA A 76 -11.57 -5.40 -0.11
C ALA A 76 -11.93 -6.66 -0.88
N ASP A 77 -11.82 -7.81 -0.21
CA ASP A 77 -11.88 -9.10 -0.88
C ASP A 77 -12.93 -10.01 -0.27
N TRP A 78 -13.98 -9.43 0.31
CA TRP A 78 -15.08 -10.20 0.87
C TRP A 78 -16.40 -9.65 0.35
N ARG A 79 -17.21 -10.53 -0.21
CA ARG A 79 -18.46 -10.16 -0.85
C ARG A 79 -19.43 -9.54 0.14
N PRO A 80 -20.33 -8.67 -0.33
CA PRO A 80 -21.35 -8.10 0.57
C PRO A 80 -22.30 -9.14 1.13
N ALA A 81 -22.56 -10.23 0.41
CA ALA A 81 -23.42 -11.30 0.92
C ALA A 81 -22.87 -11.92 2.19
N GLU A 82 -21.58 -11.77 2.47
CA GLU A 82 -20.96 -12.27 3.69
C GLU A 82 -20.85 -11.19 4.78
N ALA A 83 -21.59 -10.09 4.63
CA ALA A 83 -21.54 -9.03 5.64
C ALA A 83 -22.15 -9.49 6.96
N ASP A 84 -23.30 -10.17 6.91
CA ASP A 84 -23.96 -10.60 8.14
C ASP A 84 -23.15 -11.66 8.88
N LYS A 85 -22.43 -12.51 8.14
CA LYS A 85 -21.58 -13.50 8.80
C LYS A 85 -20.28 -12.87 9.31
N LEU A 86 -19.81 -11.82 8.65
CA LEU A 86 -18.65 -11.09 9.15
C LEU A 86 -18.93 -10.48 10.52
N VAL A 87 -20.13 -9.91 10.69
CA VAL A 87 -20.48 -9.24 11.94
C VAL A 87 -20.43 -10.21 13.10
N LYS A 88 -20.98 -11.42 12.92
CA LYS A 88 -21.09 -12.36 14.03
C LYS A 88 -19.71 -12.84 14.48
N LEU A 89 -18.91 -13.36 13.56
CA LEU A 89 -17.60 -13.88 13.94
C LEU A 89 -16.66 -12.77 14.38
N LEU A 90 -16.84 -11.55 13.87
CA LEU A 90 -16.11 -10.41 14.40
C LEU A 90 -16.54 -10.12 15.84
N ALA A 91 -17.83 -10.29 16.13
CA ALA A 91 -18.33 -10.01 17.48
C ALA A 91 -17.84 -11.04 18.48
N LYS A 92 -17.70 -12.31 18.06
CA LYS A 92 -17.13 -13.32 18.94
C LYS A 92 -15.69 -12.98 19.29
N GLY A 93 -14.96 -12.40 18.35
CA GLY A 93 -13.52 -12.32 18.50
C GLY A 93 -12.88 -13.66 18.21
N GLU A 94 -11.71 -13.88 18.82
CA GLU A 94 -11.00 -15.16 18.73
C GLU A 94 -10.82 -15.60 17.27
N TYR A 95 -10.55 -14.63 16.40
CA TYR A 95 -10.13 -14.90 15.04
C TYR A 95 -8.62 -14.78 14.95
N GLN A 96 -8.06 -15.29 13.85
CA GLN A 96 -6.64 -15.16 13.59
C GLN A 96 -6.36 -13.95 12.71
N LYS A 97 -5.18 -13.37 12.90
CA LYS A 97 -4.73 -12.19 12.16
C LYS A 97 -3.67 -12.57 11.15
N VAL A 98 -3.58 -11.78 10.08
CA VAL A 98 -2.53 -11.92 9.08
C VAL A 98 -1.91 -10.55 8.85
N SER A 99 -0.58 -10.52 8.69
CA SER A 99 0.16 -9.27 8.62
C SER A 99 0.94 -9.18 7.31
N TYR A 100 0.92 -7.97 6.72
CA TYR A 100 1.60 -7.69 5.47
C TYR A 100 2.70 -6.65 5.68
N PRO A 101 3.78 -6.73 4.90
CA PRO A 101 4.85 -5.73 5.02
C PRO A 101 4.42 -4.40 4.44
N LEU A 102 5.06 -3.34 4.92
CA LEU A 102 4.79 -1.98 4.48
C LEU A 102 6.07 -1.34 4.00
N LEU A 103 5.93 -0.24 3.26
CA LEU A 103 7.06 0.48 2.70
C LEU A 103 7.29 1.76 3.48
N LYS A 104 8.54 1.99 3.89
CA LYS A 104 8.94 3.21 4.58
C LYS A 104 9.65 4.13 3.61
N THR A 105 9.16 5.36 3.50
CA THR A 105 9.70 6.35 2.58
C THR A 105 10.16 7.56 3.40
N THR A 106 11.43 7.91 3.27
CA THR A 106 12.02 9.04 3.97
C THR A 106 12.47 10.09 2.97
N VAL A 107 12.19 11.35 3.27
CA VAL A 107 12.57 12.48 2.42
C VAL A 107 13.32 13.48 3.27
N LYS A 108 14.51 13.89 2.82
CA LYS A 108 15.37 14.82 3.53
C LYS A 108 15.46 16.14 2.78
N TYR A 109 15.43 17.24 3.52
CA TYR A 109 15.55 18.58 2.96
C TYR A 109 16.70 19.31 3.61
N GLY A 110 17.03 20.47 3.05
CA GLY A 110 18.08 21.31 3.60
C GLY A 110 17.61 22.13 4.79
N LYS A 114 15.61 19.09 7.29
CA LYS A 114 14.29 18.62 7.68
C LYS A 114 14.03 17.23 7.09
N GLU A 115 13.14 16.47 7.72
CA GLU A 115 12.88 15.10 7.33
C GLU A 115 11.40 14.80 7.41
N ALA A 116 10.90 14.04 6.43
CA ALA A 116 9.50 13.63 6.39
C ALA A 116 9.42 12.17 6.02
N THR A 117 8.86 11.35 6.92
CA THR A 117 8.70 9.93 6.69
C THR A 117 7.24 9.61 6.35
N TYR A 118 7.05 8.52 5.60
CA TYR A 118 5.72 8.09 5.19
C TYR A 118 5.65 6.58 5.19
N LEU A 119 4.43 6.07 5.23
CA LEU A 119 4.15 4.65 5.12
C LEU A 119 3.22 4.41 3.94
N ALA A 120 3.52 3.40 3.14
CA ALA A 120 2.74 3.06 1.96
C ALA A 120 2.29 1.61 2.03
N LEU A 121 1.03 1.38 1.66
CA LEU A 121 0.49 0.03 1.57
C LEU A 121 0.71 -0.58 0.19
N ASN A 122 0.63 0.22 -0.86
CA ASN A 122 0.88 -0.27 -2.21
C ASN A 122 2.30 0.06 -2.66
N GLU A 123 2.58 1.34 -2.90
CA GLU A 123 3.87 1.73 -3.44
C GLU A 123 4.08 3.22 -3.23
N SER A 124 5.32 3.64 -3.44
CA SER A 124 5.69 5.05 -3.51
C SER A 124 6.43 5.29 -4.82
N THR A 125 6.07 6.36 -5.52
CA THR A 125 6.65 6.68 -6.81
C THR A 125 7.37 8.02 -6.74
N VAL A 126 8.35 8.19 -7.62
CA VAL A 126 9.10 9.43 -7.74
C VAL A 126 9.14 9.82 -9.21
N LYS A 127 8.57 10.97 -9.55
CA LYS A 127 8.64 11.53 -10.89
C LYS A 127 9.23 12.93 -10.82
N SER A 128 9.47 13.53 -11.98
CA SER A 128 10.09 14.84 -12.05
C SER A 128 9.04 15.94 -12.14
N SER A 129 9.27 17.02 -11.41
CA SER A 129 8.40 18.20 -11.42
C SER A 129 8.65 18.98 -12.69
N GLY A 130 8.09 18.48 -13.80
CA GLY A 130 8.18 19.17 -15.07
C GLY A 130 9.38 18.77 -15.92
N GLY A 131 10.58 19.02 -15.40
CA GLY A 131 11.80 18.80 -16.15
C GLY A 131 12.14 17.33 -16.31
N PRO A 132 13.34 17.05 -16.80
CA PRO A 132 13.77 15.66 -16.95
C PRO A 132 14.10 15.04 -15.60
N PHE A 133 13.76 13.76 -15.46
CA PHE A 133 13.99 13.04 -14.21
C PHE A 133 15.35 12.34 -14.28
N VAL A 134 16.27 12.75 -13.41
CA VAL A 134 17.59 12.15 -13.29
C VAL A 134 17.92 12.00 -11.81
N VAL A 135 18.25 10.78 -11.39
CA VAL A 135 18.65 10.50 -10.02
C VAL A 135 19.77 9.47 -10.03
N ASP A 136 20.57 9.49 -8.98
CA ASP A 136 21.56 8.46 -8.72
C ASP A 136 20.98 7.48 -7.71
N VAL A 137 20.99 6.19 -8.06
CA VAL A 137 20.39 5.15 -7.22
C VAL A 137 21.49 4.55 -6.37
N VAL A 138 21.32 4.62 -5.05
CA VAL A 138 22.31 4.17 -4.09
C VAL A 138 21.70 3.04 -3.27
N ILE A 139 22.28 1.85 -3.36
CA ILE A 139 21.81 0.69 -2.62
C ILE A 139 22.84 0.36 -1.55
N ASN A 140 22.42 0.49 -0.29
CA ASN A 140 23.28 0.20 0.87
C ASN A 140 24.58 0.98 0.80
N ASP A 141 24.46 2.29 0.55
CA ASP A 141 25.54 3.27 0.48
C ASP A 141 26.47 3.06 -0.71
N ILE A 142 26.17 2.11 -1.60
CA ILE A 142 26.97 1.89 -2.81
C ILE A 142 26.19 2.41 -4.00
N HIS A 143 26.83 3.25 -4.81
CA HIS A 143 26.18 3.75 -6.01
CA HIS A 143 26.19 3.76 -6.02
C HIS A 143 25.89 2.62 -6.98
N PHE A 144 24.62 2.46 -7.34
CA PHE A 144 24.21 1.38 -8.23
C PHE A 144 24.04 1.82 -9.67
N GLU A 145 23.42 2.96 -9.92
CA GLU A 145 23.17 3.40 -11.30
C GLU A 145 22.71 4.84 -11.27
N ARG A 146 22.78 5.47 -12.44
CA ARG A 146 22.24 6.81 -12.66
C ARG A 146 21.01 6.66 -13.56
N PHE A 147 19.83 6.75 -12.96
CA PHE A 147 18.58 6.52 -13.67
C PHE A 147 18.19 7.76 -14.46
N ARG A 148 17.69 7.54 -15.68
CA ARG A 148 17.26 8.61 -16.57
C ARG A 148 16.00 8.14 -17.29
N GLY A 149 14.86 8.75 -16.95
CA GLY A 149 13.60 8.37 -17.56
C GLY A 149 12.41 9.10 -16.97
N ASP A 150 11.28 8.40 -16.83
CA ASP A 150 10.07 9.00 -16.30
C ASP A 150 9.94 8.90 -14.79
N GLY A 151 10.58 7.93 -14.16
CA GLY A 151 10.56 7.83 -12.72
C GLY A 151 10.78 6.41 -12.25
N LEU A 152 10.63 6.23 -10.94
CA LEU A 152 10.82 4.95 -10.28
C LEU A 152 9.64 4.66 -9.36
N CYS A 153 9.45 3.37 -9.08
CA CYS A 153 8.34 2.92 -8.25
C CYS A 153 8.84 1.82 -7.32
N MET A 154 8.75 2.08 -6.01
CA MET A 154 9.09 1.08 -5.00
C MET A 154 7.79 0.54 -4.42
N SER A 155 7.57 -0.77 -4.58
CA SER A 155 6.29 -1.39 -4.28
C SER A 155 6.40 -2.34 -3.09
N THR A 156 5.33 -2.41 -2.32
CA THR A 156 5.18 -3.40 -1.27
C THR A 156 4.85 -4.76 -1.90
N PRO A 157 4.97 -5.84 -1.13
CA PRO A 157 4.56 -7.14 -1.68
C PRO A 157 3.12 -7.18 -2.16
N SER A 158 2.18 -6.69 -1.34
CA SER A 158 0.79 -6.65 -1.77
C SER A 158 0.56 -5.59 -2.84
N GLY A 159 1.39 -4.55 -2.85
CA GLY A 159 1.33 -3.53 -3.88
C GLY A 159 1.83 -3.95 -5.24
N THR A 160 2.42 -5.14 -5.35
CA THR A 160 2.92 -5.62 -6.63
C THR A 160 1.82 -5.83 -7.66
N THR A 161 0.58 -6.06 -7.21
CA THR A 161 -0.54 -6.23 -8.13
C THR A 161 -1.12 -4.90 -8.62
N ALA A 162 -0.65 -3.77 -8.08
CA ALA A 162 -1.17 -2.47 -8.50
C ALA A 162 -0.27 -1.85 -9.57
N TYR A 163 0.25 -0.64 -9.29
CA TYR A 163 1.07 0.07 -10.26
C TYR A 163 2.31 -0.71 -10.65
N ASN A 164 2.87 -1.48 -9.71
CA ASN A 164 4.05 -2.30 -9.99
C ASN A 164 3.80 -3.27 -11.13
N LYS A 165 2.58 -3.79 -11.26
CA LYS A 165 2.28 -4.75 -12.31
C LYS A 165 2.27 -4.09 -13.68
N SER A 166 1.74 -2.87 -13.76
CA SER A 166 1.70 -2.16 -15.04
C SER A 166 3.09 -1.81 -15.55
N LEU A 167 4.08 -1.72 -14.66
CA LEU A 167 5.44 -1.36 -15.04
C LEU A 167 6.31 -2.58 -15.32
N GLY A 168 5.71 -3.76 -15.48
CA GLY A 168 6.46 -4.96 -15.75
C GLY A 168 7.00 -5.67 -14.53
N GLY A 169 6.73 -5.16 -13.32
CA GLY A 169 7.24 -5.79 -12.13
C GLY A 169 6.60 -7.13 -11.85
N ALA A 170 7.27 -7.92 -11.02
CA ALA A 170 6.77 -9.23 -10.66
C ALA A 170 5.77 -9.14 -9.52
N LEU A 171 4.99 -10.21 -9.35
CA LEU A 171 4.01 -10.31 -8.28
C LEU A 171 4.59 -11.16 -7.16
N MET A 172 4.78 -10.57 -5.99
CA MET A 172 5.34 -11.26 -4.84
C MET A 172 4.23 -11.65 -3.89
N HIS A 173 4.38 -12.81 -3.27
CA HIS A 173 3.44 -13.21 -2.23
C HIS A 173 3.67 -12.34 -1.01
N PRO A 174 2.61 -11.80 -0.39
CA PRO A 174 2.77 -10.83 0.70
C PRO A 174 3.40 -11.39 1.97
N SER A 175 3.68 -12.69 2.03
CA SER A 175 4.38 -13.23 3.19
C SER A 175 5.89 -13.01 3.10
N ILE A 176 6.37 -12.43 1.99
CA ILE A 176 7.79 -12.20 1.79
C ILE A 176 8.08 -10.75 2.19
N GLU A 177 8.78 -10.58 3.31
CA GLU A 177 9.13 -9.24 3.78
C GLU A 177 10.17 -8.61 2.84
N ALA A 178 9.70 -7.87 1.84
CA ALA A 178 10.60 -7.33 0.83
C ALA A 178 9.96 -6.11 0.19
N MET A 179 10.68 -5.52 -0.76
CA MET A 179 10.17 -4.39 -1.54
C MET A 179 10.77 -4.49 -2.94
N GLN A 180 9.97 -4.07 -3.93
CA GLN A 180 10.36 -4.17 -5.32
C GLN A 180 10.44 -2.80 -5.96
N LEU A 181 11.50 -2.58 -6.73
CA LEU A 181 11.72 -1.33 -7.45
C LEU A 181 11.56 -1.58 -8.95
N THR A 182 10.81 -0.70 -9.61
CA THR A 182 10.57 -0.80 -11.04
C THR A 182 10.89 0.53 -11.72
N GLU A 183 11.20 0.46 -13.01
CA GLU A 183 11.58 1.62 -13.79
C GLU A 183 10.44 2.07 -14.69
N MET A 184 10.37 3.39 -14.93
CA MET A 184 9.35 3.99 -15.78
C MET A 184 10.05 4.63 -16.99
N ALA A 185 9.91 4.00 -18.15
CA ALA A 185 10.37 4.54 -19.42
C ALA A 185 11.83 5.02 -19.33
N SER A 186 12.70 4.10 -18.93
CA SER A 186 14.10 4.44 -18.75
C SER A 186 14.78 4.61 -20.10
N ILE A 187 15.62 5.64 -20.20
CA ILE A 187 16.41 5.89 -21.39
C ILE A 187 17.68 5.07 -21.31
N ASN A 188 17.97 4.29 -22.35
CA ASN A 188 19.17 3.46 -22.39
C ASN A 188 19.84 3.64 -23.75
N ASN A 189 21.02 4.27 -23.74
CA ASN A 189 21.83 4.37 -24.95
C ASN A 189 23.27 3.98 -24.62
N ARG A 190 24.19 4.20 -25.56
CA ARG A 190 25.56 3.74 -25.37
C ARG A 190 26.24 4.41 -24.18
N VAL A 191 25.74 5.56 -23.73
CA VAL A 191 26.38 6.29 -22.65
C VAL A 191 25.57 6.23 -21.34
N TYR A 192 24.25 6.13 -21.41
CA TYR A 192 23.40 6.06 -20.23
C TYR A 192 22.85 4.65 -20.09
N ARG A 193 23.01 4.07 -18.90
CA ARG A 193 22.69 2.66 -18.68
C ARG A 193 21.91 2.49 -17.39
N THR A 194 20.76 1.81 -17.49
CA THR A 194 19.99 1.37 -16.34
C THR A 194 19.93 -0.16 -16.34
N ILE A 195 19.63 -0.71 -15.16
CA ILE A 195 19.56 -2.17 -15.05
C ILE A 195 18.36 -2.72 -15.83
N GLY A 196 17.30 -1.95 -15.95
CA GLY A 196 16.09 -2.39 -16.65
C GLY A 196 15.23 -3.40 -15.92
N SER A 197 15.85 -4.45 -15.38
CA SER A 197 15.10 -5.45 -14.64
C SER A 197 14.58 -4.87 -13.33
N PRO A 198 13.42 -5.32 -12.88
CA PRO A 198 12.96 -4.96 -11.53
C PRO A 198 13.88 -5.57 -10.48
N LEU A 199 13.94 -4.92 -9.33
CA LEU A 199 14.83 -5.34 -8.24
C LEU A 199 14.00 -5.61 -7.00
N VAL A 200 14.27 -6.73 -6.34
CA VAL A 200 13.59 -7.14 -5.11
C VAL A 200 14.60 -7.05 -3.98
N PHE A 201 14.28 -6.24 -2.95
CA PHE A 201 15.16 -6.00 -1.82
C PHE A 201 14.59 -6.60 -0.55
N PRO A 202 15.41 -7.31 0.22
CA PRO A 202 14.93 -7.88 1.49
C PRO A 202 14.82 -6.81 2.58
N LYS A 203 14.52 -7.25 3.80
CA LYS A 203 14.47 -6.32 4.92
C LYS A 203 15.84 -5.70 5.17
N HIS A 204 15.83 -4.53 5.81
CA HIS A 204 17.03 -3.83 6.26
C HIS A 204 17.88 -3.32 5.09
N HIS A 205 17.53 -3.69 3.87
CA HIS A 205 18.17 -3.12 2.69
C HIS A 205 17.60 -1.73 2.42
N VAL A 206 18.47 -0.73 2.34
CA VAL A 206 18.07 0.65 2.17
C VAL A 206 18.41 1.09 0.75
N VAL A 207 17.41 1.53 0.01
CA VAL A 207 17.59 2.06 -1.34
C VAL A 207 17.42 3.57 -1.28
N SER A 208 18.42 4.30 -1.74
CA SER A 208 18.45 5.75 -1.66
C SER A 208 18.45 6.35 -3.06
N LEU A 209 17.62 7.37 -3.26
CA LEU A 209 17.60 8.16 -4.49
C LEU A 209 18.15 9.55 -4.19
N GLN A 210 19.16 9.96 -4.96
CA GLN A 210 19.83 11.23 -4.72
C GLN A 210 19.77 12.09 -5.96
N PRO A 211 19.44 13.37 -5.84
CA PRO A 211 19.29 14.22 -7.03
C PRO A 211 20.62 14.45 -7.75
N VAL A 212 20.51 14.86 -9.01
CA VAL A 212 21.66 15.19 -9.82
C VAL A 212 21.61 16.65 -10.28
N ASN A 213 20.41 17.14 -10.62
CA ASN A 213 20.22 18.53 -11.01
C ASN A 213 19.08 19.15 -10.22
N ASP A 214 17.86 18.99 -10.74
CA ASP A 214 16.69 19.53 -10.06
C ASP A 214 16.43 18.77 -8.77
N LYS A 215 16.11 19.52 -7.71
CA LYS A 215 15.85 18.94 -6.39
C LYS A 215 14.37 18.96 -6.03
N ASP A 216 13.50 19.05 -7.05
CA ASP A 216 12.05 19.02 -6.86
C ASP A 216 11.50 17.78 -7.56
N PHE A 217 10.82 16.92 -6.80
CA PHE A 217 10.26 15.69 -7.34
C PHE A 217 8.81 15.57 -6.94
N GLN A 218 8.00 14.99 -7.82
CA GLN A 218 6.61 14.68 -7.53
C GLN A 218 6.58 13.31 -6.87
N ILE A 219 6.52 13.28 -5.55
CA ILE A 219 6.57 12.04 -4.78
C ILE A 219 5.14 11.64 -4.42
N SER A 220 4.77 10.42 -4.79
CA SER A 220 3.46 9.87 -4.44
C SER A 220 3.64 8.74 -3.44
N VAL A 221 2.64 8.59 -2.56
CA VAL A 221 2.58 7.51 -1.59
C VAL A 221 1.15 7.00 -1.59
N ASP A 222 0.94 5.83 -2.19
CA ASP A 222 -0.41 5.26 -2.38
C ASP A 222 -1.22 6.27 -3.19
N HIS A 223 -2.40 6.69 -2.73
CA HIS A 223 -3.21 7.63 -3.50
C HIS A 223 -2.69 9.06 -3.38
N LEU A 224 -2.03 9.39 -2.27
CA LEU A 224 -1.56 10.75 -2.05
C LEU A 224 -0.34 11.04 -2.92
N SER A 225 -0.26 12.29 -3.40
CA SER A 225 0.85 12.73 -4.23
C SER A 225 1.11 14.20 -3.95
N ILE A 226 2.33 14.53 -3.52
CA ILE A 226 2.70 15.87 -3.11
C ILE A 226 4.02 16.25 -3.76
N LEU A 227 4.10 17.48 -4.27
CA LEU A 227 5.34 18.01 -4.81
C LEU A 227 6.26 18.46 -3.69
N HIS A 228 7.42 17.84 -3.58
CA HIS A 228 8.43 18.19 -2.59
C HIS A 228 9.53 19.01 -3.25
N ARG A 229 9.92 20.11 -2.61
CA ARG A 229 10.91 21.03 -3.16
C ARG A 229 12.19 20.98 -2.34
N ASP A 230 13.30 21.25 -3.01
CA ASP A 230 14.64 21.24 -2.40
C ASP A 230 14.92 19.90 -1.72
N VAL A 231 14.60 18.82 -2.43
CA VAL A 231 14.80 17.47 -1.91
C VAL A 231 16.28 17.11 -2.01
N GLN A 232 16.79 16.46 -0.96
CA GLN A 232 18.18 16.05 -0.93
C GLN A 232 18.37 14.54 -0.92
N GLU A 233 17.38 13.77 -0.48
CA GLU A 233 17.51 12.32 -0.47
C GLU A 233 16.14 11.69 -0.27
N ILE A 234 15.91 10.57 -0.94
CA ILE A 234 14.72 9.74 -0.75
C ILE A 234 15.19 8.34 -0.37
N ARG A 235 14.77 7.87 0.79
CA ARG A 235 15.21 6.59 1.33
C ARG A 235 14.06 5.60 1.32
N TYR A 236 14.28 4.43 0.73
CA TYR A 236 13.29 3.36 0.67
C TYR A 236 13.80 2.15 1.45
N GLU A 237 12.94 1.59 2.28
CA GLU A 237 13.27 0.40 3.05
C GLU A 237 11.98 -0.25 3.54
N VAL A 238 12.05 -1.55 3.79
CA VAL A 238 10.90 -2.27 4.33
C VAL A 238 10.62 -1.77 5.74
N SER A 239 9.37 -1.40 5.99
CA SER A 239 9.00 -0.81 7.28
C SER A 239 8.99 -1.87 8.38
N ALA A 240 9.36 -1.45 9.59
CA ALA A 240 9.21 -2.30 10.75
C ALA A 240 7.74 -2.47 11.15
N LYS A 241 6.89 -1.51 10.77
CA LYS A 241 5.46 -1.61 11.05
C LYS A 241 4.79 -2.51 10.03
N LYS A 242 3.72 -3.16 10.46
CA LYS A 242 2.94 -4.04 9.58
C LYS A 242 1.45 -3.73 9.74
N ILE A 243 0.69 -4.10 8.72
CA ILE A 243 -0.77 -4.00 8.75
C ILE A 243 -1.32 -5.37 9.09
N HIS A 244 -2.37 -5.40 9.91
CA HIS A 244 -2.96 -6.64 10.40
C HIS A 244 -4.38 -6.75 9.88
N PHE A 245 -4.65 -7.78 9.09
CA PHE A 245 -6.01 -8.09 8.65
C PHE A 245 -6.66 -9.07 9.62
N ALA A 246 -7.99 -9.05 9.62
CA ALA A 246 -8.77 -10.04 10.36
C ALA A 246 -9.10 -11.18 9.41
N ARG A 247 -8.46 -12.34 9.63
CA ARG A 247 -8.70 -13.51 8.81
C ARG A 247 -9.96 -14.22 9.28
N PHE A 248 -10.93 -14.38 8.38
CA PHE A 248 -12.18 -15.04 8.74
C PHE A 248 -12.50 -16.25 7.86
N ARG A 249 -11.94 -16.34 6.66
CA ARG A 249 -12.07 -17.54 5.85
C ARG A 249 -10.73 -17.87 5.21
N SER A 250 -10.74 -18.54 4.07
CA SER A 250 -9.52 -18.88 3.34
C SER A 250 -9.63 -18.33 1.93
N PHE A 251 -8.81 -17.32 1.62
CA PHE A 251 -8.78 -16.71 0.30
C PHE A 251 -7.33 -16.53 -0.08
N PRO A 252 -6.72 -17.52 -0.74
CA PRO A 252 -5.29 -17.44 -1.05
C PRO A 252 -4.97 -16.26 -1.95
N PHE A 253 -3.77 -15.70 -1.76
CA PHE A 253 -3.32 -14.57 -2.57
C PHE A 253 -3.28 -14.94 -4.05
N TRP A 254 -2.79 -16.14 -4.37
CA TRP A 254 -2.74 -16.56 -5.77
C TRP A 254 -4.14 -16.80 -6.33
N ARG A 255 -5.06 -17.30 -5.51
CA ARG A 255 -6.46 -17.35 -5.93
C ARG A 255 -7.02 -15.95 -6.13
N ARG A 256 -6.65 -15.02 -5.25
CA ARG A 256 -7.07 -13.64 -5.42
C ARG A 256 -6.46 -13.01 -6.67
N VAL A 257 -5.24 -13.41 -7.02
CA VAL A 257 -4.64 -12.95 -8.28
C VAL A 257 -5.36 -13.57 -9.47
N HIS A 258 -5.73 -14.85 -9.37
CA HIS A 258 -6.39 -15.53 -10.47
C HIS A 258 -7.73 -14.88 -10.79
N ASP A 259 -8.55 -14.63 -9.76
CA ASP A 259 -9.89 -14.10 -9.97
C ASP A 259 -9.86 -12.67 -10.54
N SER A 260 -8.76 -11.95 -10.36
CA SER A 260 -8.69 -10.55 -10.77
C SER A 260 -8.10 -10.37 -12.17
N PHE A 261 -7.27 -11.31 -12.63
CA PHE A 261 -6.58 -11.14 -13.91
C PHE A 261 -6.83 -12.26 -14.91
N ILE A 262 -7.13 -13.47 -14.47
CA ILE A 262 -7.31 -14.58 -15.39
C ILE A 262 -8.78 -14.72 -15.74
N GLU A 263 -9.59 -15.16 -14.79
CA GLU A 263 -11.00 -15.39 -15.07
C GLU A 263 -11.78 -15.45 -13.76
N ASP A 264 -13.05 -15.05 -13.83
CA ASP A 264 -13.99 -15.19 -12.72
C ASP A 264 -15.40 -14.96 -13.22
C1 CIT B . -2.05 -17.26 1.27
O1 CIT B . -1.98 -16.59 0.23
O2 CIT B . -2.05 -18.51 1.18
C2 CIT B . -2.13 -16.61 2.63
C3 CIT B . -3.34 -15.70 2.80
O7 CIT B . -4.53 -16.41 2.36
C4 CIT B . -3.52 -15.29 4.25
C5 CIT B . -4.30 -16.35 4.99
O3 CIT B . -3.76 -17.03 5.89
O4 CIT B . -5.51 -16.54 4.72
C6 CIT B . -3.18 -14.44 1.95
O5 CIT B . -2.68 -13.41 2.45
O6 CIT B . -3.53 -14.42 0.75
N JXB C . -1.63 1.68 -12.55
C JXB C . -4.00 1.08 -10.11
C1 JXB C . -4.71 0.02 -9.31
C2 JXB C . -5.82 0.59 -8.43
C3 JXB C . -6.61 -0.49 -7.67
C4 JXB C . -5.48 -0.54 -5.40
C5 JXB C . -4.43 -2.38 -5.46
C6 JXB C . -3.65 -3.53 -5.25
C7 JXB C . -4.38 -4.26 -7.32
C8 JXB C . -5.14 -2.31 -6.64
N1 JXB C . -2.35 1.21 -11.79
N2 JXB C . -3.03 0.48 -11.05
N3 JXB C . -5.82 -1.11 -6.60
N4 JXB C . -4.65 -1.26 -4.67
N5 JXB C . -2.90 -3.74 -4.17
N6 JXB C . -3.64 -4.47 -6.23
N7 JXB C . -5.16 -3.22 -7.62
BR JXB C . -6.16 1.10 -4.85
#